data_4O4A
#
_entry.id   4O4A
#
_cell.length_a   122.556
_cell.length_b   122.556
_cell.length_c   107.354
_cell.angle_alpha   90.00
_cell.angle_beta   90.00
_cell.angle_gamma   90.00
#
_symmetry.space_group_name_H-M   'P 42 21 2'
#
loop_
_entity.id
_entity.type
_entity.pdbx_description
1 polymer 'Lipoprotein, putative'
2 non-polymer 'SULFATE ION'
3 non-polymer 'HEXAETHYLENE GLYCOL'
4 non-polymer DI(HYDROXYETHYL)ETHER
5 water water
#
_entity_poly.entity_id   1
_entity_poly.type   'polypeptide(L)'
_entity_poly.pdbx_seq_one_letter_code
;(MSE)HHHHHHSSGVDLGTENLYFQSNAKETTDTIYLIPEEYEGDLIVVYNVPGAELLPKEEEFSVVTFAADGTAVTSTK
N(MSE)KFGTVNDLYYTVNKEGQRTKIDSSCIHFSSTGSRTENSWEFPFANLEVTRTACSQEFSANGREVPENQEHPAEK
K(MSE)RDL(MSE)QRIQERY(MSE)NKVK
;
_entity_poly.pdbx_strand_id   A,B,C,D
#
loop_
_chem_comp.id
_chem_comp.type
_chem_comp.name
_chem_comp.formula
P6G non-polymer 'HEXAETHYLENE GLYCOL' 'C12 H26 O7'
PEG non-polymer DI(HYDROXYETHYL)ETHER 'C4 H10 O3'
SO4 non-polymer 'SULFATE ION' 'O4 S -2'
#
# COMPACT_ATOMS: atom_id res chain seq x y z
N GLU A 26 -2.50 8.90 10.46
CA GLU A 26 -2.36 9.66 11.73
C GLU A 26 -0.93 9.58 12.26
N THR A 27 -0.34 10.75 12.49
CA THR A 27 0.97 10.84 13.08
C THR A 27 0.85 11.78 14.26
N THR A 28 1.94 11.91 15.01
CA THR A 28 1.98 12.80 16.15
C THR A 28 3.29 13.58 16.23
N ASP A 29 4.35 13.01 15.67
CA ASP A 29 5.67 13.61 15.78
C ASP A 29 6.41 13.63 14.46
N THR A 30 7.61 14.21 14.46
CA THR A 30 8.34 14.38 13.22
C THR A 30 9.81 14.02 13.30
N ILE A 31 10.31 13.41 12.23
CA ILE A 31 11.70 13.05 12.11
C ILE A 31 12.27 13.91 11.03
N TYR A 32 13.38 14.60 11.33
CA TYR A 32 14.02 15.45 10.36
C TYR A 32 15.32 14.83 9.93
N LEU A 33 15.49 14.66 8.63
CA LEU A 33 16.72 14.09 8.08
C LEU A 33 17.50 15.20 7.37
N ILE A 34 18.67 15.53 7.90
CA ILE A 34 19.50 16.58 7.33
C ILE A 34 20.74 16.02 6.64
N PRO A 35 21.09 16.52 5.43
CA PRO A 35 22.31 16.03 4.82
C PRO A 35 23.47 16.34 5.75
N GLU A 36 24.31 15.33 6.01
CA GLU A 36 25.41 15.47 6.94
C GLU A 36 26.34 16.65 6.72
N GLU A 37 26.54 17.04 5.48
CA GLU A 37 27.44 18.14 5.19
C GLU A 37 26.80 19.53 5.33
N TYR A 38 25.48 19.60 5.48
CA TYR A 38 24.79 20.88 5.56
C TYR A 38 24.87 21.56 6.90
N GLU A 39 24.94 22.89 6.86
CA GLU A 39 24.99 23.71 8.04
C GLU A 39 24.21 25.00 7.77
N GLY A 40 23.37 25.39 8.72
CA GLY A 40 22.62 26.62 8.56
C GLY A 40 21.11 26.50 8.72
N ASP A 41 20.41 27.44 8.08
CA ASP A 41 18.96 27.53 8.16
C ASP A 41 18.26 26.41 7.43
N LEU A 42 17.15 25.97 7.99
CA LEU A 42 16.34 24.91 7.40
C LEU A 42 14.91 25.37 7.25
N ILE A 43 14.30 25.02 6.13
CA ILE A 43 12.92 25.39 5.87
C ILE A 43 12.11 24.23 5.36
N VAL A 44 10.92 24.07 5.92
CA VAL A 44 9.99 23.06 5.47
C VAL A 44 8.74 23.79 5.07
N VAL A 45 8.21 23.50 3.89
CA VAL A 45 6.99 24.15 3.43
C VAL A 45 5.96 23.08 3.14
N TYR A 46 4.77 23.26 3.73
CA TYR A 46 3.68 22.33 3.57
C TYR A 46 2.62 22.79 2.60
N ASN A 47 1.68 21.88 2.31
CA ASN A 47 0.56 22.15 1.44
C ASN A 47 0.95 22.62 0.06
N VAL A 48 2.04 22.07 -0.46
CA VAL A 48 2.51 22.39 -1.79
C VAL A 48 1.98 21.30 -2.72
N PRO A 49 0.99 21.63 -3.56
CA PRO A 49 0.42 20.61 -4.43
C PRO A 49 1.43 20.13 -5.48
N GLY A 50 1.41 18.82 -5.75
CA GLY A 50 2.32 18.21 -6.71
C GLY A 50 3.54 17.66 -6.01
N ALA A 51 3.88 18.22 -4.84
CA ALA A 51 5.01 17.75 -4.08
C ALA A 51 4.70 16.42 -3.46
N GLU A 52 5.74 15.72 -3.03
CA GLU A 52 5.57 14.43 -2.41
C GLU A 52 5.04 14.61 -1.00
N LEU A 53 4.32 13.61 -0.54
CA LEU A 53 3.79 13.62 0.81
C LEU A 53 4.87 13.14 1.72
N LEU A 54 4.77 13.49 3.00
CA LEU A 54 5.75 13.02 3.95
C LEU A 54 5.57 11.54 4.20
N PRO A 55 6.63 10.76 3.99
CA PRO A 55 6.55 9.36 4.30
C PRO A 55 6.28 9.18 5.79
N LYS A 56 5.76 8.03 6.16
CA LYS A 56 5.47 7.78 7.54
C LYS A 56 6.23 6.55 8.02
N GLU A 57 6.87 6.69 9.19
CA GLU A 57 7.59 5.60 9.83
C GLU A 57 7.00 5.48 11.20
N GLU A 58 6.19 4.45 11.41
CA GLU A 58 5.55 4.23 12.69
C GLU A 58 4.58 5.38 12.92
N GLU A 59 4.81 6.18 13.95
CA GLU A 59 3.94 7.29 14.30
C GLU A 59 4.55 8.65 13.92
N PHE A 60 5.72 8.63 13.28
CA PHE A 60 6.42 9.83 12.87
C PHE A 60 6.29 10.15 11.39
N SER A 61 6.25 11.44 11.09
CA SER A 61 6.25 11.91 9.72
C SER A 61 7.73 12.14 9.44
N VAL A 62 8.19 11.92 8.21
CA VAL A 62 9.60 12.08 7.92
C VAL A 62 9.89 13.18 6.94
N VAL A 63 10.66 14.16 7.38
CA VAL A 63 11.05 15.27 6.54
C VAL A 63 12.47 15.07 6.10
N THR A 64 12.68 15.04 4.79
CA THR A 64 14.00 14.86 4.21
C THR A 64 14.39 16.14 3.53
N PHE A 65 15.44 16.79 4.02
CA PHE A 65 15.89 18.04 3.43
C PHE A 65 16.78 17.79 2.24
N ALA A 66 16.68 18.68 1.26
CA ALA A 66 17.51 18.60 0.07
C ALA A 66 18.86 19.19 0.46
N ALA A 67 19.83 19.11 -0.44
CA ALA A 67 21.16 19.60 -0.16
C ALA A 67 21.19 21.09 0.26
N ASP A 68 20.22 21.88 -0.18
CA ASP A 68 20.17 23.32 0.18
C ASP A 68 19.41 23.58 1.49
N GLY A 69 19.06 22.53 2.22
CA GLY A 69 18.36 22.68 3.50
C GLY A 69 16.89 23.05 3.38
N THR A 70 16.32 22.67 2.26
CA THR A 70 14.95 22.94 1.95
C THR A 70 14.14 21.65 1.81
N ALA A 71 12.87 21.70 2.20
CA ALA A 71 12.00 20.56 2.05
C ALA A 71 10.62 21.06 1.68
N VAL A 72 10.06 20.52 0.61
CA VAL A 72 8.74 20.91 0.12
C VAL A 72 7.85 19.66 0.14
N THR A 73 6.65 19.79 0.67
CA THR A 73 5.74 18.65 0.71
C THR A 73 4.30 19.04 0.49
N SER A 74 3.53 18.06 0.03
CA SER A 74 2.10 18.22 -0.21
C SER A 74 1.30 17.86 1.03
N THR A 75 1.97 17.40 2.08
CA THR A 75 1.27 17.10 3.32
C THR A 75 0.61 18.40 3.76
N LYS A 76 -0.68 18.36 4.07
CA LYS A 76 -1.42 19.57 4.42
C LYS A 76 -0.79 20.47 5.45
N ASN A 77 -0.41 19.91 6.58
CA ASN A 77 0.21 20.73 7.60
C ASN A 77 1.12 19.91 8.50
N MSE A 78 1.90 20.62 9.31
CA MSE A 78 2.84 20.01 10.20
C MSE A 78 2.18 19.59 11.46
O MSE A 78 1.02 19.92 11.72
CB MSE A 78 3.94 21.04 10.52
CG MSE A 78 3.48 22.12 11.49
SE MSE A 78 4.41 23.80 11.01
CE MSE A 78 2.77 24.88 10.91
N LYS A 79 2.92 18.82 12.24
CA LYS A 79 2.43 18.38 13.51
C LYS A 79 2.65 19.57 14.43
N PHE A 80 1.58 20.05 15.05
CA PHE A 80 1.67 21.21 15.90
C PHE A 80 2.33 20.92 17.24
N GLY A 81 3.65 21.06 17.26
CA GLY A 81 4.45 20.82 18.46
C GLY A 81 5.78 20.24 18.00
N THR A 82 6.84 20.57 18.74
CA THR A 82 8.22 20.11 18.50
C THR A 82 8.65 19.10 19.57
N VAL A 83 7.90 19.09 20.66
CA VAL A 83 8.10 18.20 21.80
C VAL A 83 9.11 17.03 21.66
N ASN A 84 8.71 16.00 20.90
CA ASN A 84 9.46 14.78 20.78
C ASN A 84 9.95 14.48 19.39
N ASP A 85 10.28 15.51 18.62
CA ASP A 85 10.82 15.30 17.30
C ASP A 85 12.20 14.69 17.45
N LEU A 86 12.67 14.01 16.41
CA LEU A 86 13.99 13.43 16.37
C LEU A 86 14.74 14.01 15.18
N TYR A 87 16.06 14.17 15.30
CA TYR A 87 16.86 14.74 14.25
C TYR A 87 18.03 13.84 13.91
N TYR A 88 18.32 13.73 12.62
CA TYR A 88 19.42 12.95 12.18
C TYR A 88 20.09 13.57 10.98
N THR A 89 21.36 13.22 10.77
CA THR A 89 22.07 13.63 9.57
C THR A 89 22.09 12.36 8.75
N VAL A 90 22.21 12.50 7.44
CA VAL A 90 22.22 11.35 6.56
C VAL A 90 23.29 11.43 5.51
N ASN A 91 23.98 10.32 5.28
CA ASN A 91 25.00 10.28 4.27
C ASN A 91 24.32 10.06 2.92
N LYS A 92 25.11 9.95 1.86
CA LYS A 92 24.55 9.73 0.53
C LYS A 92 23.72 8.46 0.46
N GLU A 93 24.20 7.41 1.11
CA GLU A 93 23.50 6.12 1.12
C GLU A 93 22.24 6.11 1.98
N GLY A 94 21.96 7.18 2.71
CA GLY A 94 20.77 7.25 3.52
C GLY A 94 20.89 6.74 4.95
N GLN A 95 22.09 6.33 5.38
CA GLN A 95 22.25 5.88 6.75
C GLN A 95 22.20 7.09 7.68
N ARG A 96 21.51 6.92 8.79
CA ARG A 96 21.27 7.98 9.74
C ARG A 96 22.20 8.04 10.95
N THR A 97 22.44 9.25 11.41
CA THR A 97 23.25 9.49 12.58
C THR A 97 22.51 10.52 13.40
N LYS A 98 22.16 10.16 14.63
CA LYS A 98 21.42 11.07 15.50
C LYS A 98 22.24 12.31 15.84
N ILE A 99 21.56 13.45 15.92
CA ILE A 99 22.21 14.69 16.24
C ILE A 99 21.82 15.09 17.64
N ASP A 100 22.76 15.66 18.40
CA ASP A 100 22.43 16.15 19.74
C ASP A 100 21.52 17.33 19.60
N SER A 101 20.59 17.46 20.55
CA SER A 101 19.62 18.54 20.50
C SER A 101 20.28 19.89 20.51
N SER A 102 21.44 19.96 21.15
CA SER A 102 22.17 21.23 21.24
C SER A 102 22.66 21.70 19.88
N CYS A 103 22.59 20.83 18.85
CA CYS A 103 22.97 21.19 17.50
C CYS A 103 21.78 21.68 16.65
N ILE A 104 20.60 21.73 17.27
CA ILE A 104 19.39 22.15 16.59
C ILE A 104 18.70 23.28 17.29
N HIS A 105 18.21 24.23 16.49
CA HIS A 105 17.43 25.33 17.01
C HIS A 105 16.12 25.41 16.23
N PHE A 106 15.00 25.39 16.94
CA PHE A 106 13.71 25.52 16.29
C PHE A 106 13.35 26.99 16.33
N SER A 107 13.29 27.62 15.17
CA SER A 107 13.05 29.06 15.07
C SER A 107 11.61 29.54 15.07
N SER A 108 10.84 29.15 14.07
CA SER A 108 9.46 29.65 13.99
C SER A 108 8.59 28.89 13.02
N THR A 109 7.30 29.12 13.14
CA THR A 109 6.32 28.51 12.25
C THR A 109 5.32 29.59 11.86
N GLY A 110 4.60 29.32 10.79
CA GLY A 110 3.62 30.24 10.32
C GLY A 110 3.00 29.77 9.04
N SER A 111 2.42 30.74 8.34
CA SER A 111 1.77 30.48 7.08
C SER A 111 2.09 31.65 6.20
N ARG A 112 2.24 31.38 4.92
CA ARG A 112 2.53 32.40 3.94
C ARG A 112 1.49 32.27 2.86
N THR A 113 0.90 33.38 2.46
CA THR A 113 -0.13 33.33 1.44
C THR A 113 0.35 33.92 0.13
N GLU A 114 0.42 33.10 -0.90
CA GLU A 114 0.76 33.54 -2.24
C GLU A 114 -0.54 33.35 -3.06
N ASN A 115 -1.02 34.45 -3.66
CA ASN A 115 -2.32 34.47 -4.36
C ASN A 115 -3.38 34.35 -3.26
N SER A 116 -4.07 33.22 -3.22
CA SER A 116 -5.02 32.97 -2.17
C SER A 116 -4.67 31.63 -1.54
N TRP A 117 -3.49 31.11 -1.88
CA TRP A 117 -3.06 29.78 -1.42
C TRP A 117 -2.15 29.90 -0.20
N GLU A 118 -2.46 29.13 0.84
CA GLU A 118 -1.68 29.17 2.08
C GLU A 118 -0.71 28.03 2.21
N PHE A 119 0.53 28.40 2.53
CA PHE A 119 1.59 27.43 2.73
C PHE A 119 2.08 27.52 4.16
N PRO A 120 1.74 26.53 5.01
CA PRO A 120 2.30 26.56 6.35
C PRO A 120 3.78 26.24 6.23
N PHE A 121 4.60 26.78 7.12
CA PHE A 121 6.03 26.53 7.05
C PHE A 121 6.69 26.45 8.42
N ALA A 122 7.91 25.94 8.43
CA ALA A 122 8.69 25.82 9.65
C ALA A 122 10.13 26.22 9.40
N ASN A 123 10.68 26.94 10.35
CA ASN A 123 12.05 27.39 10.31
C ASN A 123 12.87 26.75 11.42
N LEU A 124 13.89 26.03 11.02
CA LEU A 124 14.82 25.44 11.98
C LEU A 124 16.24 25.75 11.53
N GLU A 125 17.21 25.42 12.37
CA GLU A 125 18.58 25.73 12.10
C GLU A 125 19.44 24.65 12.67
N VAL A 126 20.48 24.28 11.94
CA VAL A 126 21.37 23.25 12.39
C VAL A 126 22.81 23.72 12.34
N THR A 127 23.64 23.12 13.20
CA THR A 127 25.06 23.40 13.25
C THR A 127 25.85 22.13 13.47
N ARG A 128 27.10 22.11 13.05
CA ARG A 128 28.01 21.00 13.30
C ARG A 128 29.11 21.55 14.19
N THR A 129 29.49 22.79 13.92
CA THR A 129 30.59 23.38 14.63
C THR A 129 30.32 24.11 15.95
N ALA A 130 29.10 24.57 16.21
CA ALA A 130 28.82 25.28 17.48
C ALA A 130 27.71 24.71 18.35
N CYS A 131 27.56 23.38 18.39
CA CYS A 131 26.50 22.82 19.22
C CYS A 131 26.67 23.41 20.62
N SER A 132 25.60 23.94 21.19
CA SER A 132 25.65 24.53 22.53
C SER A 132 24.26 24.85 23.00
N GLN A 133 24.12 25.18 24.28
CA GLN A 133 22.81 25.54 24.81
C GLN A 133 22.38 26.87 24.23
N GLU A 134 23.37 27.74 24.02
CA GLU A 134 23.11 29.06 23.47
C GLU A 134 22.51 28.89 22.11
N PHE A 135 23.11 28.01 21.32
CA PHE A 135 22.62 27.78 19.97
C PHE A 135 21.21 27.20 19.98
N SER A 136 20.99 26.20 20.79
CA SER A 136 19.68 25.59 20.87
C SER A 136 18.59 26.60 21.16
N ALA A 137 18.87 27.55 22.04
CA ALA A 137 17.88 28.54 22.42
C ALA A 137 17.73 29.68 21.43
N ASN A 138 18.82 30.09 20.81
CA ASN A 138 18.79 31.26 19.93
C ASN A 138 19.22 31.10 18.49
N GLY A 139 19.82 29.97 18.14
CA GLY A 139 20.35 29.80 16.80
C GLY A 139 21.60 30.64 16.73
N ARG A 140 22.19 30.71 15.55
CA ARG A 140 23.39 31.47 15.39
C ARG A 140 23.08 32.94 15.53
N GLU A 141 24.08 33.66 16.00
CA GLU A 141 23.96 35.07 16.22
C GLU A 141 24.03 35.73 14.85
N VAL A 142 23.10 36.65 14.58
CA VAL A 142 23.04 37.37 13.30
C VAL A 142 22.92 38.85 13.62
N PRO A 143 23.22 39.73 12.64
CA PRO A 143 23.15 41.17 12.86
C PRO A 143 21.82 41.68 13.42
N GLU A 144 21.89 42.78 14.19
CA GLU A 144 20.75 43.37 14.88
C GLU A 144 19.69 43.98 13.97
N ASN A 145 20.01 45.14 13.41
CA ASN A 145 19.08 45.84 12.56
C ASN A 145 19.26 45.28 11.17
N GLN A 146 18.77 44.07 10.97
CA GLN A 146 18.83 43.40 9.68
C GLN A 146 17.97 42.17 9.68
N GLU A 147 17.36 41.91 8.56
CA GLU A 147 16.52 40.77 8.39
C GLU A 147 17.30 39.47 8.62
N HIS A 148 16.64 38.44 9.15
CA HIS A 148 17.31 37.17 9.35
C HIS A 148 17.53 36.50 7.98
N PRO A 149 18.72 35.92 7.74
CA PRO A 149 19.05 35.28 6.46
C PRO A 149 18.02 34.29 5.96
N ALA A 150 17.25 33.71 6.87
CA ALA A 150 16.21 32.75 6.53
C ALA A 150 15.07 33.43 5.76
N GLU A 151 14.92 34.73 5.94
CA GLU A 151 13.89 35.48 5.21
C GLU A 151 14.18 35.46 3.72
N LYS A 152 15.45 35.64 3.35
CA LYS A 152 15.81 35.59 1.94
C LYS A 152 15.70 34.16 1.43
N LYS A 153 16.19 33.20 2.22
CA LYS A 153 16.12 31.80 1.81
C LYS A 153 14.66 31.41 1.50
N MSE A 154 13.75 31.90 2.33
CA MSE A 154 12.32 31.66 2.17
C MSE A 154 11.79 32.36 0.95
O MSE A 154 11.05 31.81 0.15
CB MSE A 154 11.62 32.19 3.42
CG MSE A 154 10.11 32.16 3.32
SE MSE A 154 9.44 30.32 3.10
CE MSE A 154 9.25 29.96 5.05
N ARG A 155 12.17 33.61 0.79
CA ARG A 155 11.74 34.42 -0.32
C ARG A 155 12.11 33.65 -1.62
N ASP A 156 13.35 33.19 -1.71
CA ASP A 156 13.82 32.47 -2.89
C ASP A 156 13.15 31.10 -3.05
N LEU A 157 12.89 30.42 -1.93
CA LEU A 157 12.24 29.13 -1.98
C LEU A 157 10.81 29.26 -2.52
N MSE A 158 10.11 30.33 -2.12
CA MSE A 158 8.73 30.55 -2.60
C MSE A 158 8.72 30.69 -4.08
O MSE A 158 7.82 30.21 -4.75
CB MSE A 158 8.00 31.79 -2.07
CG MSE A 158 6.63 31.34 -1.60
SE MSE A 158 6.85 30.04 -0.14
CE MSE A 158 4.99 29.94 0.44
N GLN A 159 9.72 31.38 -4.60
CA GLN A 159 9.81 31.59 -6.03
C GLN A 159 10.04 30.26 -6.73
N ARG A 160 10.98 29.45 -6.22
CA ARG A 160 11.22 28.13 -6.83
C ARG A 160 9.93 27.28 -6.80
N ILE A 161 9.17 27.41 -5.72
CA ILE A 161 7.90 26.69 -5.58
C ILE A 161 6.91 27.16 -6.64
N GLN A 162 6.67 28.45 -6.68
CA GLN A 162 5.74 29.00 -7.66
C GLN A 162 6.07 28.62 -9.10
N GLU A 163 7.34 28.69 -9.44
CA GLU A 163 7.81 28.33 -10.78
C GLU A 163 7.65 26.84 -11.09
N ARG A 164 8.28 25.97 -10.28
CA ARG A 164 8.22 24.51 -10.55
C ARG A 164 6.84 23.86 -10.29
N TYR A 165 6.13 24.26 -9.23
CA TYR A 165 4.83 23.63 -8.90
C TYR A 165 3.50 24.40 -9.08
N MSE A 166 3.50 25.71 -8.89
CA MSE A 166 2.23 26.45 -8.89
C MSE A 166 1.66 26.77 -10.22
O MSE A 166 0.50 27.19 -10.31
CB MSE A 166 2.33 27.74 -8.10
CG MSE A 166 2.62 27.49 -6.63
SE MSE A 166 1.56 25.97 -6.01
CE MSE A 166 -0.16 26.92 -5.94
N ASN A 167 2.46 26.63 -11.26
CA ASN A 167 1.93 26.87 -12.57
C ASN A 167 2.48 25.92 -13.63
N LYS A 168 3.11 24.83 -13.17
CA LYS A 168 3.64 23.82 -14.06
C LYS A 168 2.52 22.84 -14.40
N ALA B 24 -26.68 33.51 -10.20
CA ALA B 24 -25.57 34.30 -9.58
C ALA B 24 -24.32 34.33 -10.47
N LYS B 25 -23.33 35.10 -10.02
CA LYS B 25 -22.06 35.25 -10.71
C LYS B 25 -21.20 33.99 -10.54
N GLU B 26 -21.68 33.04 -9.74
CA GLU B 26 -20.98 31.78 -9.54
C GLU B 26 -21.42 30.74 -10.53
N THR B 27 -20.46 30.19 -11.27
CA THR B 27 -20.70 29.10 -12.21
C THR B 27 -19.75 27.93 -11.92
N THR B 28 -20.00 26.79 -12.56
CA THR B 28 -19.18 25.58 -12.32
C THR B 28 -17.85 25.56 -13.06
N ASP B 29 -17.77 26.30 -14.17
CA ASP B 29 -16.56 26.42 -14.96
C ASP B 29 -15.66 25.21 -14.97
N THR B 30 -16.16 24.09 -15.49
CA THR B 30 -15.32 22.90 -15.60
C THR B 30 -15.37 22.32 -17.01
N ILE B 31 -14.20 21.91 -17.49
CA ILE B 31 -14.04 21.29 -18.78
C ILE B 31 -13.63 19.86 -18.54
N TYR B 32 -14.36 18.92 -19.14
CA TYR B 32 -14.05 17.51 -18.98
C TYR B 32 -13.49 16.99 -20.29
N LEU B 33 -12.30 16.39 -20.23
CA LEU B 33 -11.67 15.81 -21.40
C LEU B 33 -11.72 14.30 -21.28
N ILE B 34 -12.47 13.67 -22.18
CA ILE B 34 -12.62 12.24 -22.19
C ILE B 34 -11.85 11.61 -23.37
N PRO B 35 -11.12 10.52 -23.12
CA PRO B 35 -10.50 9.87 -24.27
C PRO B 35 -11.57 9.45 -25.27
N GLU B 36 -11.36 9.76 -26.53
CA GLU B 36 -12.38 9.50 -27.57
C GLU B 36 -12.90 8.06 -27.65
N GLU B 37 -12.03 7.10 -27.37
CA GLU B 37 -12.41 5.71 -27.45
C GLU B 37 -13.18 5.20 -26.22
N TYR B 38 -13.19 5.98 -25.15
CA TYR B 38 -13.85 5.54 -23.92
C TYR B 38 -15.36 5.70 -23.92
N GLU B 39 -16.02 4.75 -23.28
CA GLU B 39 -17.45 4.76 -23.14
C GLU B 39 -17.76 4.16 -21.79
N GLY B 40 -18.66 4.79 -21.06
CA GLY B 40 -19.05 4.25 -19.78
C GLY B 40 -18.97 5.21 -18.61
N ASP B 41 -18.78 4.62 -17.44
CA ASP B 41 -18.74 5.34 -16.19
C ASP B 41 -17.50 6.18 -16.05
N LEU B 42 -17.66 7.35 -15.45
CA LEU B 42 -16.56 8.27 -15.21
C LEU B 42 -16.55 8.67 -13.74
N ILE B 43 -15.35 8.76 -13.18
CA ILE B 43 -15.22 9.13 -11.80
C ILE B 43 -14.11 10.16 -11.63
N VAL B 44 -14.42 11.19 -10.85
CA VAL B 44 -13.47 12.23 -10.52
C VAL B 44 -13.38 12.22 -9.01
N VAL B 45 -12.16 12.16 -8.49
CA VAL B 45 -12.00 12.16 -7.03
C VAL B 45 -11.14 13.35 -6.67
N TYR B 46 -11.63 14.14 -5.73
CA TYR B 46 -10.93 15.35 -5.31
C TYR B 46 -10.23 15.20 -3.98
N ASN B 47 -9.45 16.21 -3.65
CA ASN B 47 -8.73 16.29 -2.40
C ASN B 47 -7.81 15.10 -2.16
N VAL B 48 -7.20 14.60 -3.23
CA VAL B 48 -6.26 13.50 -3.14
C VAL B 48 -4.86 14.09 -3.05
N PRO B 49 -4.22 13.99 -1.89
CA PRO B 49 -2.89 14.59 -1.76
C PRO B 49 -1.85 13.88 -2.61
N GLY B 50 -0.95 14.66 -3.22
CA GLY B 50 0.10 14.11 -4.07
C GLY B 50 -0.35 14.15 -5.52
N ALA B 51 -1.65 14.16 -5.74
CA ALA B 51 -2.20 14.23 -7.10
C ALA B 51 -2.01 15.62 -7.66
N GLU B 52 -2.12 15.72 -8.98
CA GLU B 52 -1.97 17.00 -9.63
C GLU B 52 -3.21 17.84 -9.40
N LEU B 53 -3.02 19.15 -9.42
CA LEU B 53 -4.10 20.09 -9.23
C LEU B 53 -4.74 20.24 -10.59
N LEU B 54 -6.00 20.65 -10.64
CA LEU B 54 -6.65 20.82 -11.95
C LEU B 54 -6.07 22.02 -12.65
N PRO B 55 -5.55 21.81 -13.87
CA PRO B 55 -5.03 22.95 -14.64
C PRO B 55 -6.16 23.92 -14.93
N LYS B 56 -5.81 25.17 -15.22
CA LYS B 56 -6.81 26.16 -15.56
C LYS B 56 -6.62 26.74 -16.93
N GLU B 57 -7.72 26.84 -17.68
CA GLU B 57 -7.72 27.43 -19.00
C GLU B 57 -8.75 28.50 -18.96
N GLU B 58 -8.29 29.75 -18.96
CA GLU B 58 -9.17 30.87 -18.84
C GLU B 58 -9.81 30.79 -17.44
N GLU B 59 -11.12 30.66 -17.39
CA GLU B 59 -11.84 30.62 -16.14
C GLU B 59 -12.28 29.20 -15.76
N PHE B 60 -11.98 28.23 -16.64
CA PHE B 60 -12.37 26.84 -16.43
C PHE B 60 -11.31 25.95 -15.81
N SER B 61 -11.75 24.97 -15.02
CA SER B 61 -10.86 23.98 -14.43
C SER B 61 -10.91 22.84 -15.41
N VAL B 62 -9.82 22.13 -15.59
CA VAL B 62 -9.79 21.08 -16.60
C VAL B 62 -9.58 19.72 -16.01
N VAL B 63 -10.56 18.84 -16.21
CA VAL B 63 -10.49 17.47 -15.75
C VAL B 63 -10.13 16.62 -16.92
N THR B 64 -9.01 15.91 -16.81
CA THR B 64 -8.54 15.02 -17.85
C THR B 64 -8.66 13.62 -17.34
N PHE B 65 -9.50 12.82 -17.99
CA PHE B 65 -9.69 11.45 -17.57
C PHE B 65 -8.60 10.59 -18.16
N ALA B 66 -8.19 9.59 -17.41
CA ALA B 66 -7.23 8.64 -17.89
C ALA B 66 -7.99 7.67 -18.80
N ALA B 67 -7.27 6.76 -19.43
CA ALA B 67 -7.88 5.79 -20.34
C ALA B 67 -9.00 4.94 -19.69
N ASP B 68 -8.92 4.73 -18.38
CA ASP B 68 -9.95 3.93 -17.67
C ASP B 68 -11.12 4.77 -17.19
N GLY B 69 -11.19 6.04 -17.60
CA GLY B 69 -12.30 6.91 -17.21
C GLY B 69 -12.26 7.41 -15.78
N THR B 70 -11.06 7.48 -15.25
CA THR B 70 -10.80 7.93 -13.90
C THR B 70 -9.99 9.20 -13.88
N ALA B 71 -10.24 10.06 -12.89
CA ALA B 71 -9.48 11.29 -12.75
C ALA B 71 -9.30 11.55 -11.28
N VAL B 72 -8.06 11.76 -10.90
CA VAL B 72 -7.69 11.97 -9.52
C VAL B 72 -7.01 13.31 -9.40
N THR B 73 -7.41 14.13 -8.45
CA THR B 73 -6.79 15.45 -8.30
C THR B 73 -6.68 15.88 -6.85
N SER B 74 -5.71 16.78 -6.62
CA SER B 74 -5.48 17.34 -5.31
C SER B 74 -6.30 18.62 -5.12
N THR B 75 -7.04 19.04 -6.14
CA THR B 75 -7.90 20.20 -6.01
C THR B 75 -8.89 19.88 -4.90
N LYS B 76 -9.04 20.78 -3.93
CA LYS B 76 -9.89 20.52 -2.75
C LYS B 76 -11.28 20.00 -3.05
N ASN B 77 -12.00 20.64 -3.95
CA ASN B 77 -13.35 20.17 -4.25
C ASN B 77 -13.79 20.61 -5.63
N MSE B 78 -14.93 20.10 -6.04
CA MSE B 78 -15.52 20.47 -7.29
C MSE B 78 -16.13 21.84 -7.12
O MSE B 78 -16.37 22.32 -6.01
CB MSE B 78 -16.56 19.44 -7.74
CG MSE B 78 -17.84 19.52 -6.93
SE MSE B 78 -18.63 17.73 -6.76
CE MSE B 78 -18.52 17.44 -4.82
N LYS B 79 -16.38 22.47 -8.25
CA LYS B 79 -16.94 23.79 -8.27
C LYS B 79 -18.45 23.70 -8.18
N PHE B 80 -19.03 24.80 -7.70
CA PHE B 80 -20.47 24.90 -7.52
C PHE B 80 -21.04 26.15 -8.15
N GLY B 81 -22.28 26.06 -8.59
CA GLY B 81 -23.01 27.21 -9.12
C GLY B 81 -23.82 26.86 -10.33
N THR B 82 -24.09 27.86 -11.16
CA THR B 82 -24.83 27.61 -12.37
C THR B 82 -23.97 26.71 -13.27
N VAL B 83 -24.51 25.56 -13.70
CA VAL B 83 -23.76 24.63 -14.53
C VAL B 83 -23.50 25.17 -15.92
N ASN B 84 -22.22 25.35 -16.25
CA ASN B 84 -21.84 25.79 -17.58
C ASN B 84 -20.64 24.97 -18.04
N ASP B 85 -20.63 23.69 -17.69
CA ASP B 85 -19.51 22.82 -18.04
C ASP B 85 -19.47 22.48 -19.52
N LEU B 86 -18.27 22.19 -20.02
CA LEU B 86 -18.06 21.80 -21.41
C LEU B 86 -17.42 20.41 -21.43
N TYR B 87 -17.78 19.62 -22.42
CA TYR B 87 -17.28 18.26 -22.53
C TYR B 87 -16.64 18.03 -23.89
N TYR B 88 -15.52 17.33 -23.90
CA TYR B 88 -14.85 17.04 -25.14
C TYR B 88 -14.25 15.67 -25.10
N THR B 89 -14.05 15.09 -26.27
CA THR B 89 -13.31 13.85 -26.38
C THR B 89 -11.95 14.27 -26.93
N VAL B 90 -10.91 13.49 -26.67
CA VAL B 90 -9.59 13.85 -27.17
C VAL B 90 -8.87 12.66 -27.78
N ASN B 91 -8.20 12.90 -28.91
CA ASN B 91 -7.43 11.86 -29.58
C ASN B 91 -6.06 11.75 -28.91
N LYS B 92 -5.21 10.84 -29.40
CA LYS B 92 -3.90 10.67 -28.82
C LYS B 92 -3.09 11.98 -28.88
N GLU B 93 -3.21 12.71 -29.99
CA GLU B 93 -2.47 13.97 -30.18
C GLU B 93 -3.00 15.13 -29.33
N GLY B 94 -4.11 14.93 -28.63
CA GLY B 94 -4.64 15.96 -27.77
C GLY B 94 -5.64 16.91 -28.40
N GLN B 95 -6.00 16.69 -29.67
CA GLN B 95 -7.01 17.54 -30.30
C GLN B 95 -8.38 17.21 -29.75
N ARG B 96 -9.12 18.26 -29.44
CA ARG B 96 -10.43 18.15 -28.82
C ARG B 96 -11.60 18.18 -29.78
N THR B 97 -12.65 17.45 -29.43
CA THR B 97 -13.85 17.41 -30.21
C THR B 97 -14.98 17.56 -29.22
N LYS B 98 -15.75 18.61 -29.38
CA LYS B 98 -16.86 18.87 -28.47
C LYS B 98 -17.94 17.82 -28.59
N ILE B 99 -18.54 17.45 -27.46
CA ILE B 99 -19.61 16.48 -27.49
C ILE B 99 -20.81 17.13 -26.85
N ASP B 100 -21.99 16.74 -27.29
CA ASP B 100 -23.20 17.32 -26.76
C ASP B 100 -23.45 16.90 -25.32
N SER B 101 -24.08 17.77 -24.52
CA SER B 101 -24.44 17.40 -23.14
C SER B 101 -25.34 16.17 -23.09
N SER B 102 -26.10 15.90 -24.15
CA SER B 102 -26.97 14.73 -24.19
C SER B 102 -26.15 13.43 -24.16
N CYS B 103 -24.84 13.54 -24.34
CA CYS B 103 -23.95 12.37 -24.32
C CYS B 103 -23.39 12.15 -22.96
N ILE B 104 -23.79 12.99 -22.03
CA ILE B 104 -23.29 12.95 -20.69
C ILE B 104 -24.42 12.80 -19.68
N HIS B 105 -24.21 11.94 -18.69
CA HIS B 105 -25.17 11.77 -17.59
C HIS B 105 -24.44 12.04 -16.31
N PHE B 106 -24.97 12.98 -15.54
CA PHE B 106 -24.38 13.32 -14.27
C PHE B 106 -25.09 12.44 -13.25
N SER B 107 -24.38 11.45 -12.71
CA SER B 107 -24.98 10.47 -11.83
C SER B 107 -25.10 10.87 -10.38
N SER B 108 -23.98 11.17 -9.74
CA SER B 108 -24.03 11.54 -8.31
C SER B 108 -22.75 12.14 -7.80
N THR B 109 -22.87 12.77 -6.64
CA THR B 109 -21.73 13.37 -5.98
C THR B 109 -21.81 13.01 -4.52
N GLY B 110 -20.68 13.15 -3.85
CA GLY B 110 -20.63 12.87 -2.46
C GLY B 110 -19.25 13.01 -1.92
N SER B 111 -19.04 12.36 -0.79
CA SER B 111 -17.77 12.38 -0.12
C SER B 111 -17.57 11.01 0.47
N ARG B 112 -16.33 10.56 0.47
CA ARG B 112 -15.98 9.28 1.01
C ARG B 112 -14.89 9.53 2.04
N THR B 113 -15.05 8.97 3.23
CA THR B 113 -14.08 9.18 4.29
C THR B 113 -13.24 7.93 4.56
N GLU B 114 -11.93 8.02 4.30
CA GLU B 114 -10.97 6.94 4.64
C GLU B 114 -10.14 7.50 5.76
N ASN B 115 -10.14 6.80 6.90
CA ASN B 115 -9.46 7.27 8.11
C ASN B 115 -10.25 8.48 8.61
N SER B 116 -9.69 9.66 8.52
CA SER B 116 -10.40 10.86 8.87
C SER B 116 -10.30 11.83 7.70
N TRP B 117 -9.85 11.33 6.55
CA TRP B 117 -9.66 12.15 5.36
C TRP B 117 -10.86 12.03 4.42
N GLU B 118 -11.39 13.17 3.97
CA GLU B 118 -12.55 13.18 3.08
C GLU B 118 -12.18 13.42 1.63
N PHE B 119 -12.73 12.58 0.76
CA PHE B 119 -12.51 12.69 -0.66
C PHE B 119 -13.83 12.97 -1.33
N PRO B 120 -14.06 14.21 -1.75
CA PRO B 120 -15.29 14.43 -2.50
C PRO B 120 -15.16 13.74 -3.84
N PHE B 121 -16.26 13.29 -4.41
CA PHE B 121 -16.21 12.64 -5.72
C PHE B 121 -17.42 12.94 -6.59
N ALA B 122 -17.28 12.62 -7.87
CA ALA B 122 -18.34 12.82 -8.81
C ALA B 122 -18.44 11.63 -9.74
N ASN B 123 -19.67 11.21 -10.00
CA ASN B 123 -19.95 10.11 -10.89
C ASN B 123 -20.66 10.61 -12.12
N LEU B 124 -20.04 10.39 -13.26
CA LEU B 124 -20.63 10.76 -14.53
C LEU B 124 -20.57 9.56 -15.42
N GLU B 125 -21.22 9.68 -16.55
CA GLU B 125 -21.26 8.60 -17.50
C GLU B 125 -21.29 9.22 -18.87
N VAL B 126 -20.57 8.62 -19.80
CA VAL B 126 -20.53 9.13 -21.15
C VAL B 126 -20.91 8.04 -22.12
N THR B 127 -21.43 8.46 -23.26
CA THR B 127 -21.78 7.55 -24.34
C THR B 127 -21.40 8.17 -25.69
N ARG B 128 -21.16 7.29 -26.66
CA ARG B 128 -20.89 7.70 -28.04
C ARG B 128 -22.04 7.16 -28.88
N THR B 129 -22.48 5.98 -28.48
CA THR B 129 -23.56 5.23 -29.08
C THR B 129 -24.95 5.82 -28.99
N ALA B 130 -25.32 6.29 -27.82
CA ALA B 130 -26.70 6.69 -27.54
C ALA B 130 -26.99 8.07 -26.99
N CYS B 131 -26.33 9.12 -27.47
CA CYS B 131 -26.63 10.46 -26.95
C CYS B 131 -28.14 10.71 -27.09
N SER B 132 -28.77 11.15 -26.01
CA SER B 132 -30.22 11.40 -26.01
C SER B 132 -30.61 12.03 -24.71
N GLN B 133 -31.84 12.52 -24.63
CA GLN B 133 -32.31 13.12 -23.39
C GLN B 133 -32.52 12.03 -22.36
N GLU B 134 -32.88 10.84 -22.80
CA GLU B 134 -33.12 9.74 -21.88
C GLU B 134 -31.81 9.40 -21.22
N PHE B 135 -30.75 9.32 -22.01
CA PHE B 135 -29.45 9.00 -21.48
C PHE B 135 -29.00 10.06 -20.50
N SER B 136 -29.13 11.31 -20.89
CA SER B 136 -28.72 12.38 -20.03
C SER B 136 -29.36 12.27 -18.64
N ALA B 137 -30.63 11.90 -18.61
CA ALA B 137 -31.36 11.86 -17.37
C ALA B 137 -31.11 10.60 -16.58
N ASN B 138 -30.92 9.48 -17.26
CA ASN B 138 -30.80 8.19 -16.57
C ASN B 138 -29.54 7.36 -16.76
N GLY B 139 -28.72 7.72 -17.72
CA GLY B 139 -27.53 6.91 -17.99
C GLY B 139 -27.96 5.61 -18.64
N ARG B 140 -27.02 4.73 -18.92
CA ARG B 140 -27.31 3.49 -19.60
C ARG B 140 -28.09 2.53 -18.73
N GLU B 141 -28.87 1.68 -19.39
CA GLU B 141 -29.69 0.67 -18.73
C GLU B 141 -28.76 -0.44 -18.24
N VAL B 142 -28.89 -0.81 -16.97
CA VAL B 142 -28.08 -1.85 -16.37
C VAL B 142 -29.03 -2.83 -15.70
N PRO B 143 -28.58 -4.07 -15.43
CA PRO B 143 -29.42 -5.10 -14.79
C PRO B 143 -30.06 -4.66 -13.47
N GLU B 144 -31.21 -5.24 -13.18
CA GLU B 144 -32.02 -4.84 -12.01
C GLU B 144 -31.39 -5.05 -10.63
N ASN B 145 -31.17 -6.30 -10.24
CA ASN B 145 -30.67 -6.61 -8.89
C ASN B 145 -29.18 -6.36 -8.67
N GLN B 146 -28.42 -6.45 -9.73
CA GLN B 146 -27.00 -6.19 -9.71
C GLN B 146 -26.66 -4.78 -9.28
N GLU B 147 -25.53 -4.62 -8.60
CA GLU B 147 -25.06 -3.32 -8.18
C GLU B 147 -24.67 -2.61 -9.49
N HIS B 148 -24.65 -1.30 -9.45
CA HIS B 148 -24.30 -0.55 -10.64
C HIS B 148 -22.77 -0.70 -10.85
N PRO B 149 -22.33 -0.93 -12.10
CA PRO B 149 -20.91 -1.11 -12.42
C PRO B 149 -19.97 -0.04 -11.86
N ALA B 150 -20.50 1.15 -11.63
CA ALA B 150 -19.72 2.27 -11.08
C ALA B 150 -19.31 2.04 -9.63
N GLU B 151 -20.08 1.21 -8.93
CA GLU B 151 -19.77 0.87 -7.55
C GLU B 151 -18.45 0.14 -7.49
N LYS B 152 -18.26 -0.79 -8.43
CA LYS B 152 -17.03 -1.54 -8.45
C LYS B 152 -15.89 -0.65 -8.91
N LYS B 153 -16.12 0.13 -9.95
CA LYS B 153 -15.08 1.02 -10.46
C LYS B 153 -14.57 1.92 -9.34
N MSE B 154 -15.49 2.42 -8.52
CA MSE B 154 -15.16 3.29 -7.38
C MSE B 154 -14.42 2.53 -6.32
O MSE B 154 -13.42 2.98 -5.78
CB MSE B 154 -16.47 3.85 -6.82
CG MSE B 154 -16.27 4.68 -5.55
SE MSE B 154 -15.11 6.25 -5.87
CE MSE B 154 -16.48 7.56 -6.21
N ARG B 155 -14.94 1.36 -6.01
CA ARG B 155 -14.34 0.51 -5.02
C ARG B 155 -12.88 0.29 -5.36
N ASP B 156 -12.61 -0.06 -6.63
CA ASP B 156 -11.24 -0.31 -7.09
C ASP B 156 -10.41 0.95 -7.13
N LEU B 157 -11.01 2.06 -7.52
CA LEU B 157 -10.28 3.32 -7.60
C LEU B 157 -9.82 3.79 -6.24
N MSE B 158 -10.67 3.64 -5.23
CA MSE B 158 -10.30 4.05 -3.88
C MSE B 158 -9.13 3.26 -3.40
O MSE B 158 -8.23 3.79 -2.74
CB MSE B 158 -11.48 3.89 -2.95
CG MSE B 158 -12.47 5.00 -3.23
SE MSE B 158 -11.81 6.83 -2.98
CE MSE B 158 -11.07 6.56 -1.18
N GLN B 159 -9.10 1.98 -3.73
CA GLN B 159 -8.00 1.14 -3.35
C GLN B 159 -6.73 1.61 -4.04
N ARG B 160 -6.79 1.86 -5.35
CA ARG B 160 -5.62 2.35 -6.09
C ARG B 160 -5.12 3.64 -5.49
N ILE B 161 -6.05 4.48 -5.04
CA ILE B 161 -5.69 5.75 -4.40
C ILE B 161 -4.95 5.52 -3.09
N GLN B 162 -5.57 4.77 -2.19
CA GLN B 162 -4.95 4.48 -0.90
C GLN B 162 -3.57 3.86 -1.05
N GLU B 163 -3.45 2.93 -1.98
CA GLU B 163 -2.20 2.22 -2.23
C GLU B 163 -1.12 3.11 -2.87
N ARG B 164 -1.41 3.77 -3.98
CA ARG B 164 -0.43 4.62 -4.67
C ARG B 164 -0.13 5.93 -3.95
N TYR B 165 -1.16 6.65 -3.52
CA TYR B 165 -0.94 7.97 -2.94
C TYR B 165 -0.71 7.97 -1.44
N MSE B 166 -0.92 6.85 -0.74
CA MSE B 166 -0.69 6.91 0.71
C MSE B 166 -0.46 5.68 1.56
O MSE B 166 -0.52 5.82 2.76
CB MSE B 166 -1.85 7.76 1.32
CG MSE B 166 -3.31 7.58 0.83
SE MSE B 166 -4.14 9.35 0.54
CE MSE B 166 -4.19 9.90 2.43
N ASN B 167 -0.05 4.54 0.99
CA ASN B 167 0.11 3.29 1.78
C ASN B 167 0.92 3.59 3.07
N LYS B 168 2.10 4.20 2.89
CA LYS B 168 3.01 4.56 4.00
C LYS B 168 3.48 5.98 3.72
N VAL B 169 2.55 6.91 3.89
CA VAL B 169 2.77 8.30 3.54
C VAL B 169 1.71 9.16 4.29
N LYS B 170 1.99 10.43 4.56
CA LYS B 170 0.96 11.33 5.18
C LYS B 170 0.57 12.49 4.24
N GLU C 26 -17.54 -9.60 18.77
CA GLU C 26 -16.84 -10.42 17.73
C GLU C 26 -17.84 -10.95 16.72
N THR C 27 -17.62 -10.65 15.43
CA THR C 27 -18.48 -11.12 14.33
C THR C 27 -17.65 -11.82 13.25
N THR C 28 -18.32 -12.44 12.29
CA THR C 28 -17.65 -13.20 11.24
C THR C 28 -17.08 -12.33 10.09
N ASP C 29 -17.68 -11.16 9.87
CA ASP C 29 -17.23 -10.21 8.83
C ASP C 29 -16.66 -10.80 7.56
N THR C 30 -17.45 -11.56 6.82
CA THR C 30 -16.97 -12.12 5.58
C THR C 30 -17.94 -11.94 4.42
N ILE C 31 -17.38 -11.63 3.26
CA ILE C 31 -18.15 -11.45 2.05
C ILE C 31 -17.78 -12.59 1.14
N TYR C 32 -18.78 -13.30 0.65
CA TYR C 32 -18.54 -14.42 -0.23
C TYR C 32 -19.01 -14.07 -1.61
N LEU C 33 -18.13 -14.23 -2.58
CA LEU C 33 -18.46 -13.96 -3.96
C LEU C 33 -18.54 -15.29 -4.72
N ILE C 34 -19.75 -15.64 -5.18
CA ILE C 34 -19.99 -16.89 -5.89
C ILE C 34 -20.22 -16.66 -7.38
N PRO C 35 -19.61 -17.47 -8.25
CA PRO C 35 -19.92 -17.31 -9.67
C PRO C 35 -21.41 -17.54 -9.89
N GLU C 36 -22.02 -16.62 -10.60
CA GLU C 36 -23.46 -16.65 -10.82
C GLU C 36 -24.04 -17.95 -11.34
N GLU C 37 -23.28 -18.67 -12.14
CA GLU C 37 -23.79 -19.92 -12.70
C GLU C 37 -23.63 -21.14 -11.78
N TYR C 38 -22.87 -21.00 -10.70
CA TYR C 38 -22.61 -22.13 -9.81
C TYR C 38 -23.73 -22.46 -8.84
N GLU C 39 -23.87 -23.76 -8.57
CA GLU C 39 -24.85 -24.28 -7.62
C GLU C 39 -24.26 -25.50 -6.89
N GLY C 40 -24.43 -25.56 -5.58
CA GLY C 40 -23.93 -26.71 -4.82
C GLY C 40 -23.03 -26.38 -3.65
N ASP C 41 -22.16 -27.33 -3.33
CA ASP C 41 -21.24 -27.23 -2.21
C ASP C 41 -20.14 -26.23 -2.45
N LEU C 42 -19.75 -25.54 -1.39
CA LEU C 42 -18.69 -24.53 -1.44
C LEU C 42 -17.68 -24.83 -0.36
N ILE C 43 -16.40 -24.66 -0.70
CA ILE C 43 -15.33 -24.93 0.24
C ILE C 43 -14.30 -23.83 0.23
N VAL C 44 -13.92 -23.41 1.42
CA VAL C 44 -12.89 -22.41 1.59
C VAL C 44 -11.83 -23.05 2.44
N VAL C 45 -10.59 -22.97 2.01
CA VAL C 45 -9.51 -23.56 2.76
C VAL C 45 -8.52 -22.46 3.09
N TYR C 46 -8.17 -22.37 4.38
CA TYR C 46 -7.26 -21.36 4.87
C TYR C 46 -5.87 -21.88 5.15
N ASN C 47 -4.98 -20.96 5.44
CA ASN C 47 -3.59 -21.26 5.80
C ASN C 47 -2.87 -22.05 4.73
N VAL C 48 -3.16 -21.76 3.46
CA VAL C 48 -2.51 -22.41 2.35
C VAL C 48 -1.38 -21.48 1.91
N PRO C 49 -0.13 -21.87 2.19
CA PRO C 49 0.98 -21.00 1.82
C PRO C 49 1.14 -20.87 0.29
N GLY C 50 1.45 -19.66 -0.16
CA GLY C 50 1.60 -19.39 -1.59
C GLY C 50 0.31 -18.86 -2.16
N ALA C 51 -0.82 -19.18 -1.53
CA ALA C 51 -2.12 -18.71 -1.98
C ALA C 51 -2.25 -17.23 -1.66
N GLU C 52 -3.19 -16.58 -2.33
CA GLU C 52 -3.41 -15.18 -2.10
C GLU C 52 -4.12 -14.98 -0.77
N LEU C 53 -3.88 -13.83 -0.16
CA LEU C 53 -4.53 -13.50 1.10
C LEU C 53 -5.89 -12.96 0.76
N LEU C 54 -6.80 -13.00 1.72
CA LEU C 54 -8.12 -12.48 1.48
C LEU C 54 -8.09 -10.96 1.45
N PRO C 55 -8.58 -10.38 0.36
CA PRO C 55 -8.63 -8.93 0.29
C PRO C 55 -9.56 -8.43 1.37
N LYS C 56 -9.41 -7.17 1.74
CA LYS C 56 -10.23 -6.60 2.78
C LYS C 56 -10.97 -5.38 2.25
N GLU C 57 -12.28 -5.35 2.49
CA GLU C 57 -13.13 -4.22 2.09
C GLU C 57 -13.79 -3.76 3.36
N GLU C 58 -13.36 -2.63 3.88
CA GLU C 58 -13.88 -2.11 5.12
C GLU C 58 -13.49 -3.05 6.25
N GLU C 59 -14.47 -3.66 6.90
CA GLU C 59 -14.24 -4.57 8.03
C GLU C 59 -14.39 -6.04 7.61
N PHE C 60 -14.75 -6.26 6.35
CA PHE C 60 -15.01 -7.59 5.83
C PHE C 60 -13.85 -8.20 5.05
N SER C 61 -13.74 -9.51 5.15
CA SER C 61 -12.76 -10.26 4.39
C SER C 61 -13.51 -10.68 3.17
N VAL C 62 -12.85 -10.79 2.04
CA VAL C 62 -13.55 -11.17 0.83
C VAL C 62 -13.08 -12.49 0.26
N VAL C 63 -14.00 -13.44 0.20
CA VAL C 63 -13.73 -14.75 -0.37
C VAL C 63 -14.30 -14.81 -1.77
N THR C 64 -13.45 -15.11 -2.74
CA THR C 64 -13.86 -15.24 -4.12
C THR C 64 -13.74 -16.69 -4.54
N PHE C 65 -14.86 -17.33 -4.85
CA PHE C 65 -14.83 -18.71 -5.28
C PHE C 65 -14.49 -18.86 -6.74
N ALA C 66 -13.79 -19.93 -7.07
CA ALA C 66 -13.45 -20.24 -8.45
C ALA C 66 -14.69 -20.89 -9.06
N ALA C 67 -14.63 -21.16 -10.36
CA ALA C 67 -15.77 -21.77 -11.04
C ALA C 67 -16.24 -23.10 -10.45
N ASP C 68 -15.34 -23.83 -9.80
CA ASP C 68 -15.72 -25.13 -9.18
C ASP C 68 -16.22 -25.00 -7.73
N GLY C 69 -16.43 -23.77 -7.28
CA GLY C 69 -16.94 -23.53 -5.93
C GLY C 69 -15.91 -23.71 -4.83
N THR C 70 -14.66 -23.51 -5.20
CA THR C 70 -13.54 -23.68 -4.32
C THR C 70 -12.81 -22.38 -4.11
N ALA C 71 -12.27 -22.17 -2.91
CA ALA C 71 -11.50 -20.97 -2.62
C ALA C 71 -10.37 -21.35 -1.72
N VAL C 72 -9.17 -20.95 -2.11
CA VAL C 72 -7.97 -21.27 -1.39
C VAL C 72 -7.28 -19.99 -0.99
N THR C 73 -6.88 -19.86 0.27
CA THR C 73 -6.20 -18.65 0.71
C THR C 73 -5.14 -18.90 1.72
N SER C 74 -4.22 -17.94 1.78
CA SER C 74 -3.10 -17.95 2.69
C SER C 74 -3.44 -17.28 4.01
N THR C 75 -4.62 -16.70 4.09
CA THR C 75 -5.04 -16.06 5.33
C THR C 75 -5.02 -17.15 6.39
N LYS C 76 -4.37 -16.90 7.53
CA LYS C 76 -4.24 -17.94 8.57
C LYS C 76 -5.53 -18.66 8.96
N ASN C 77 -6.58 -17.91 9.22
CA ASN C 77 -7.82 -18.57 9.59
C ASN C 77 -9.02 -17.66 9.35
N MSE C 78 -10.21 -18.24 9.49
CA MSE C 78 -11.44 -17.51 9.34
C MSE C 78 -11.74 -16.83 10.65
O MSE C 78 -11.08 -17.06 11.66
CB MSE C 78 -12.56 -18.47 8.99
CG MSE C 78 -13.01 -19.31 10.17
SE MSE C 78 -13.54 -21.08 9.50
CE MSE C 78 -12.34 -22.09 10.72
N LYS C 79 -12.70 -15.93 10.63
CA LYS C 79 -13.12 -15.26 11.85
C LYS C 79 -14.26 -16.04 12.52
N PHE C 80 -14.31 -15.94 13.84
CA PHE C 80 -15.31 -16.63 14.66
C PHE C 80 -16.18 -15.62 15.37
N GLY C 81 -17.46 -15.94 15.49
CA GLY C 81 -18.40 -15.07 16.17
C GLY C 81 -19.78 -15.04 15.58
N THR C 82 -20.53 -13.98 15.88
CA THR C 82 -21.90 -13.91 15.35
C THR C 82 -21.82 -13.72 13.84
N VAL C 83 -22.52 -14.58 13.13
CA VAL C 83 -22.53 -14.54 11.67
C VAL C 83 -23.25 -13.31 11.13
N ASN C 84 -22.50 -12.47 10.43
CA ASN C 84 -23.05 -11.27 9.78
C ASN C 84 -22.51 -11.21 8.34
N ASP C 85 -22.35 -12.36 7.72
CA ASP C 85 -21.76 -12.44 6.39
C ASP C 85 -22.71 -11.93 5.32
N LEU C 86 -22.13 -11.54 4.18
CA LEU C 86 -22.90 -11.09 3.01
C LEU C 86 -22.53 -11.98 1.85
N TYR C 87 -23.49 -12.26 0.98
CA TYR C 87 -23.27 -13.15 -0.12
C TYR C 87 -23.68 -12.50 -1.42
N TYR C 88 -22.89 -12.75 -2.45
CA TYR C 88 -23.18 -12.20 -3.76
C TYR C 88 -22.77 -13.17 -4.84
N THR C 89 -23.41 -13.03 -6.00
CA THR C 89 -23.02 -13.81 -7.16
C THR C 89 -22.29 -12.79 -7.99
N VAL C 90 -21.39 -13.25 -8.85
CA VAL C 90 -20.62 -12.36 -9.68
C VAL C 90 -20.54 -12.85 -11.12
N ASN C 91 -20.70 -11.92 -12.05
CA ASN C 91 -20.57 -12.27 -13.47
C ASN C 91 -19.08 -12.30 -13.83
N LYS C 92 -18.76 -12.58 -15.09
CA LYS C 92 -17.35 -12.63 -15.50
C LYS C 92 -16.64 -11.31 -15.24
N GLU C 93 -17.33 -10.20 -15.46
CA GLU C 93 -16.74 -8.88 -15.28
C GLU C 93 -16.57 -8.49 -13.81
N GLY C 94 -17.07 -9.30 -12.89
CA GLY C 94 -16.92 -9.02 -11.48
C GLY C 94 -18.03 -8.19 -10.83
N GLN C 95 -19.08 -7.84 -11.58
CA GLN C 95 -20.19 -7.08 -10.98
C GLN C 95 -20.97 -8.00 -10.07
N ARG C 96 -21.33 -7.48 -8.90
CA ARG C 96 -22.01 -8.24 -7.86
C ARG C 96 -23.51 -8.11 -7.82
N THR C 97 -24.15 -9.19 -7.39
CA THR C 97 -25.57 -9.23 -7.23
C THR C 97 -25.81 -9.92 -5.90
N LYS C 98 -26.44 -9.22 -4.97
CA LYS C 98 -26.72 -9.77 -3.66
C LYS C 98 -27.69 -10.92 -3.74
N ILE C 99 -27.47 -11.94 -2.93
CA ILE C 99 -28.39 -13.06 -2.89
C ILE C 99 -28.88 -13.17 -1.46
N ASP C 100 -30.11 -13.64 -1.32
CA ASP C 100 -30.72 -13.72 -0.02
C ASP C 100 -30.09 -14.84 0.81
N SER C 101 -30.05 -14.64 2.12
CA SER C 101 -29.48 -15.62 3.05
C SER C 101 -30.16 -16.95 2.92
N SER C 102 -31.42 -16.95 2.51
CA SER C 102 -32.15 -18.18 2.34
C SER C 102 -31.58 -19.06 1.22
N CYS C 103 -30.69 -18.52 0.41
CA CYS C 103 -30.06 -19.29 -0.66
C CYS C 103 -28.72 -19.89 -0.21
N ILE C 104 -28.35 -19.66 1.04
CA ILE C 104 -27.08 -20.11 1.58
C ILE C 104 -27.24 -20.92 2.81
N HIS C 105 -26.47 -22.00 2.89
CA HIS C 105 -26.46 -22.84 4.07
C HIS C 105 -25.02 -22.96 4.54
N PHE C 106 -24.80 -22.63 5.80
CA PHE C 106 -23.48 -22.73 6.37
C PHE C 106 -23.42 -24.10 7.00
N SER C 107 -22.63 -25.00 6.40
CA SER C 107 -22.57 -26.39 6.84
C SER C 107 -21.65 -26.70 8.02
N SER C 108 -20.36 -26.47 7.86
CA SER C 108 -19.44 -26.82 8.93
C SER C 108 -18.09 -26.19 8.78
N THR C 109 -17.33 -26.25 9.86
CA THR C 109 -15.98 -25.76 9.88
C THR C 109 -15.12 -26.77 10.60
N GLY C 110 -13.83 -26.68 10.37
CA GLY C 110 -12.91 -27.58 11.01
C GLY C 110 -11.51 -27.34 10.54
N SER C 111 -10.69 -28.36 10.73
CA SER C 111 -9.30 -28.33 10.36
C SER C 111 -8.97 -29.69 9.81
N ARG C 112 -8.08 -29.71 8.82
CA ARG C 112 -7.63 -30.94 8.22
C ARG C 112 -6.12 -30.91 8.26
N THR C 113 -5.51 -31.98 8.71
CA THR C 113 -4.05 -31.98 8.75
C THR C 113 -3.45 -32.94 7.73
N GLU C 114 -2.67 -32.38 6.82
CA GLU C 114 -1.95 -33.14 5.80
C GLU C 114 -0.46 -32.97 6.19
N ASN C 115 0.21 -34.12 6.39
CA ASN C 115 1.58 -34.14 6.89
C ASN C 115 1.51 -33.69 8.34
N SER C 116 2.03 -32.51 8.64
CA SER C 116 1.92 -31.96 9.97
C SER C 116 1.33 -30.54 9.82
N TRP C 117 0.84 -30.21 8.63
CA TRP C 117 0.31 -28.89 8.33
C TRP C 117 -1.22 -28.85 8.46
N GLU C 118 -1.72 -27.85 9.20
CA GLU C 118 -3.16 -27.73 9.42
C GLU C 118 -3.81 -26.70 8.52
N PHE C 119 -4.90 -27.12 7.89
CA PHE C 119 -5.67 -26.25 7.03
C PHE C 119 -7.08 -26.10 7.61
N PRO C 120 -7.38 -24.92 8.19
CA PRO C 120 -8.75 -24.74 8.62
C PRO C 120 -9.62 -24.62 7.37
N PHE C 121 -10.87 -25.06 7.46
CA PHE C 121 -11.75 -24.98 6.31
C PHE C 121 -13.20 -24.65 6.68
N ALA C 122 -13.97 -24.28 5.66
CA ALA C 122 -15.37 -23.99 5.84
C ALA C 122 -16.18 -24.61 4.71
N ASN C 123 -17.32 -25.17 5.09
CA ASN C 123 -18.24 -25.78 4.14
C ASN C 123 -19.54 -25.01 4.10
N LEU C 124 -19.86 -24.53 2.91
CA LEU C 124 -21.10 -23.85 2.69
C LEU C 124 -21.76 -24.45 1.50
N GLU C 125 -22.98 -24.05 1.26
CA GLU C 125 -23.74 -24.57 0.15
C GLU C 125 -24.62 -23.49 -0.37
N VAL C 126 -24.74 -23.41 -1.69
CA VAL C 126 -25.55 -22.39 -2.31
C VAL C 126 -26.55 -23.01 -3.25
N THR C 127 -27.68 -22.32 -3.44
CA THR C 127 -28.72 -22.76 -4.36
C THR C 127 -29.31 -21.57 -5.10
N ARG C 128 -29.86 -21.83 -6.28
CA ARG C 128 -30.59 -20.83 -7.07
C ARG C 128 -32.04 -21.32 -7.19
N THR C 129 -32.15 -22.65 -7.29
CA THR C 129 -33.36 -23.42 -7.41
C THR C 129 -34.27 -23.42 -6.21
N ALA C 130 -33.70 -23.60 -5.03
CA ALA C 130 -34.52 -23.81 -3.82
C ALA C 130 -34.31 -22.90 -2.61
N CYS C 131 -34.08 -21.61 -2.82
CA CYS C 131 -33.90 -20.72 -1.67
C CYS C 131 -35.10 -20.91 -0.75
N SER C 132 -34.84 -21.10 0.54
CA SER C 132 -35.89 -21.29 1.53
C SER C 132 -35.28 -21.30 2.92
N GLN C 133 -36.13 -21.21 3.95
CA GLN C 133 -35.64 -21.25 5.33
C GLN C 133 -35.16 -22.66 5.64
N GLU C 134 -35.80 -23.65 5.02
CA GLU C 134 -35.41 -25.03 5.23
C GLU C 134 -34.00 -25.23 4.70
N PHE C 135 -33.75 -24.71 3.50
CA PHE C 135 -32.43 -24.84 2.89
C PHE C 135 -31.37 -24.15 3.75
N SER C 136 -31.66 -22.93 4.18
CA SER C 136 -30.74 -22.15 5.04
C SER C 136 -30.31 -22.96 6.26
N ALA C 137 -31.26 -23.64 6.88
CA ALA C 137 -30.97 -24.41 8.07
C ALA C 137 -30.34 -25.78 7.83
N ASN C 138 -30.72 -26.45 6.74
CA ASN C 138 -30.24 -27.81 6.49
C ASN C 138 -29.50 -28.13 5.21
N GLY C 139 -29.50 -27.23 4.24
CA GLY C 139 -28.86 -27.51 2.96
C GLY C 139 -29.69 -28.53 2.20
N ARG C 140 -29.20 -28.94 1.03
CA ARG C 140 -29.95 -29.87 0.23
C ARG C 140 -29.96 -31.25 0.85
N GLU C 141 -31.03 -31.97 0.57
CA GLU C 141 -31.21 -33.32 1.05
C GLU C 141 -30.27 -34.24 0.24
N VAL C 142 -29.53 -35.11 0.94
CA VAL C 142 -28.62 -36.07 0.32
C VAL C 142 -28.88 -37.45 0.93
N PRO C 143 -28.41 -38.52 0.27
CA PRO C 143 -28.62 -39.90 0.78
C PRO C 143 -28.13 -40.12 2.23
N GLU C 144 -28.78 -41.04 2.94
CA GLU C 144 -28.54 -41.29 4.37
C GLU C 144 -27.14 -41.79 4.76
N ASN C 145 -26.85 -43.03 4.38
CA ASN C 145 -25.60 -43.68 4.78
C ASN C 145 -24.37 -43.30 4.00
N GLN C 146 -24.59 -42.90 2.76
CA GLN C 146 -23.53 -42.49 1.90
C GLN C 146 -22.87 -41.21 2.40
N GLU C 147 -21.60 -41.07 2.09
CA GLU C 147 -20.84 -39.89 2.44
C GLU C 147 -21.44 -38.62 1.79
N HIS C 148 -21.32 -37.45 2.42
CA HIS C 148 -21.84 -36.22 1.82
C HIS C 148 -20.94 -35.86 0.63
N PRO C 149 -21.51 -35.46 -0.51
CA PRO C 149 -20.74 -35.10 -1.71
C PRO C 149 -19.57 -34.14 -1.49
N ALA C 150 -19.68 -33.32 -0.44
CA ALA C 150 -18.65 -32.36 -0.10
C ALA C 150 -17.38 -33.05 0.38
N GLU C 151 -17.52 -34.27 0.89
CA GLU C 151 -16.36 -35.04 1.35
C GLU C 151 -15.46 -35.35 0.18
N LYS C 152 -16.05 -35.73 -0.95
CA LYS C 152 -15.23 -36.01 -2.11
C LYS C 152 -14.65 -34.70 -2.67
N LYS C 153 -15.48 -33.66 -2.76
CA LYS C 153 -15.00 -32.38 -3.26
C LYS C 153 -13.76 -31.95 -2.46
N MSE C 154 -13.82 -32.15 -1.14
CA MSE C 154 -12.72 -31.78 -0.24
C MSE C 154 -11.53 -32.65 -0.46
O MSE C 154 -10.39 -32.20 -0.53
CB MSE C 154 -13.24 -31.93 1.20
CG MSE C 154 -12.16 -31.74 2.26
SE MSE C 154 -11.38 -29.92 2.18
CE MSE C 154 -12.69 -29.11 3.46
N ARG C 155 -11.79 -33.94 -0.56
CA ARG C 155 -10.74 -34.92 -0.79
C ARG C 155 -9.95 -34.50 -2.03
N ASP C 156 -10.65 -34.18 -3.11
CA ASP C 156 -10.01 -33.78 -4.37
C ASP C 156 -9.32 -32.43 -4.27
N LEU C 157 -9.93 -31.51 -3.54
CA LEU C 157 -9.35 -30.18 -3.38
C LEU C 157 -8.03 -30.25 -2.63
N MSE C 158 -7.96 -31.10 -1.60
CA MSE C 158 -6.73 -31.23 -0.82
C MSE C 158 -5.62 -31.73 -1.69
O MSE C 158 -4.49 -31.29 -1.56
CB MSE C 158 -6.96 -32.15 0.36
CG MSE C 158 -7.76 -31.43 1.41
SE MSE C 158 -6.69 -29.96 2.18
CE MSE C 158 -8.20 -29.01 3.03
N GLN C 159 -5.94 -32.65 -2.60
CA GLN C 159 -4.94 -33.17 -3.52
C GLN C 159 -4.46 -32.07 -4.43
N ARG C 160 -5.38 -31.29 -4.99
CA ARG C 160 -5.01 -30.18 -5.86
C ARG C 160 -4.12 -29.20 -5.12
N ILE C 161 -4.42 -28.99 -3.83
CA ILE C 161 -3.62 -28.10 -3.00
C ILE C 161 -2.22 -28.66 -2.84
N GLN C 162 -2.12 -29.91 -2.42
CA GLN C 162 -0.79 -30.54 -2.22
C GLN C 162 0.06 -30.44 -3.46
N GLU C 163 -0.55 -30.76 -4.59
CA GLU C 163 0.17 -30.75 -5.87
C GLU C 163 0.58 -29.35 -6.32
N ARG C 164 -0.38 -28.44 -6.43
CA ARG C 164 -0.10 -27.08 -6.90
C ARG C 164 0.72 -26.20 -5.92
N TYR C 165 0.41 -26.27 -4.62
CA TYR C 165 1.10 -25.42 -3.61
C TYR C 165 2.07 -26.03 -2.59
N MSE C 166 1.85 -27.26 -2.15
CA MSE C 166 2.65 -27.80 -1.05
C MSE C 166 4.01 -28.27 -1.39
O MSE C 166 4.79 -28.57 -0.50
CB MSE C 166 1.89 -28.89 -0.31
CG MSE C 166 0.63 -28.38 0.36
SE MSE C 166 0.94 -26.65 1.19
CE MSE C 166 2.00 -27.34 2.70
N ASN C 167 4.29 -28.41 -2.69
CA ASN C 167 5.64 -28.77 -3.17
C ASN C 167 5.54 -29.67 -4.42
N LYS C 168 5.71 -29.16 -5.64
CA LYS C 168 5.95 -27.74 -6.01
C LYS C 168 7.44 -27.37 -5.85
N GLU D 26 19.67 -32.12 16.91
CA GLU D 26 18.97 -31.29 15.89
C GLU D 26 19.86 -30.11 15.44
N THR D 27 19.69 -29.76 14.17
CA THR D 27 20.53 -28.76 13.51
C THR D 27 19.73 -27.70 12.75
N THR D 28 20.43 -26.68 12.26
CA THR D 28 19.76 -25.55 11.54
C THR D 28 19.40 -25.83 10.08
N ASP D 29 20.11 -26.78 9.47
CA ASP D 29 19.84 -27.21 8.10
C ASP D 29 19.33 -26.14 7.16
N THR D 30 20.12 -25.11 6.93
CA THR D 30 19.73 -24.07 5.99
C THR D 30 20.83 -23.78 4.98
N ILE D 31 20.43 -23.60 3.73
CA ILE D 31 21.33 -23.31 2.65
C ILE D 31 21.02 -21.91 2.22
N TYR D 32 22.03 -21.07 2.16
CA TYR D 32 21.85 -19.70 1.74
C TYR D 32 22.50 -19.49 0.39
N LEU D 33 21.72 -19.00 -0.55
CA LEU D 33 22.22 -18.74 -1.88
C LEU D 33 22.34 -17.24 -2.07
N ILE D 34 23.55 -16.75 -2.23
CA ILE D 34 23.82 -15.33 -2.40
C ILE D 34 24.24 -15.01 -3.85
N PRO D 35 23.69 -13.94 -4.44
CA PRO D 35 24.17 -13.58 -5.76
C PRO D 35 25.68 -13.31 -5.69
N GLU D 36 26.44 -13.89 -6.60
CA GLU D 36 27.89 -13.78 -6.59
C GLU D 36 28.48 -12.37 -6.54
N GLU D 37 27.79 -11.41 -7.15
CA GLU D 37 28.28 -10.06 -7.17
C GLU D 37 27.97 -9.28 -5.90
N TYR D 38 27.11 -9.80 -5.05
CA TYR D 38 26.71 -9.09 -3.85
C TYR D 38 27.73 -9.18 -2.71
N GLU D 39 27.83 -8.07 -1.99
CA GLU D 39 28.69 -7.99 -0.82
C GLU D 39 27.97 -7.10 0.16
N GLY D 40 27.93 -7.51 1.42
CA GLY D 40 27.27 -6.70 2.42
C GLY D 40 26.26 -7.39 3.30
N ASP D 41 25.30 -6.59 3.77
CA ASP D 41 24.26 -7.06 4.67
C ASP D 41 23.22 -7.91 4.00
N LEU D 42 22.73 -8.90 4.75
CA LEU D 42 21.70 -9.82 4.24
C LEU D 42 20.56 -9.91 5.24
N ILE D 43 19.33 -9.96 4.71
CA ILE D 43 18.16 -10.06 5.54
C ILE D 43 17.18 -11.10 5.03
N VAL D 44 16.69 -11.90 5.96
CA VAL D 44 15.70 -12.90 5.66
C VAL D 44 14.52 -12.61 6.54
N VAL D 45 13.33 -12.53 5.97
CA VAL D 45 12.13 -12.28 6.77
C VAL D 45 11.17 -13.42 6.59
N TYR D 46 10.73 -13.98 7.69
CA TYR D 46 9.83 -15.13 7.68
C TYR D 46 8.36 -14.76 7.98
N ASN D 47 7.50 -15.75 7.80
CA ASN D 47 6.10 -15.64 8.07
C ASN D 47 5.42 -14.52 7.30
N VAL D 48 5.86 -14.30 6.08
CA VAL D 48 5.28 -13.26 5.23
C VAL D 48 4.24 -13.94 4.36
N PRO D 49 2.95 -13.65 4.60
CA PRO D 49 1.91 -14.32 3.83
C PRO D 49 1.93 -13.91 2.37
N GLY D 50 1.69 -14.88 1.48
CA GLY D 50 1.69 -14.63 0.06
C GLY D 50 3.06 -14.93 -0.52
N ALA D 51 4.09 -14.88 0.32
CA ALA D 51 5.45 -15.18 -0.13
C ALA D 51 5.61 -16.65 -0.34
N GLU D 52 6.63 -17.03 -1.09
CA GLU D 52 6.87 -18.42 -1.35
C GLU D 52 7.46 -19.09 -0.12
N LEU D 53 7.24 -20.38 0.00
CA LEU D 53 7.82 -21.15 1.11
C LEU D 53 9.22 -21.50 0.73
N LEU D 54 10.06 -21.78 1.71
CA LEU D 54 11.43 -22.17 1.41
C LEU D 54 11.45 -23.54 0.80
N PRO D 55 12.00 -23.65 -0.40
CA PRO D 55 12.13 -24.97 -1.01
C PRO D 55 12.99 -25.87 -0.13
N LYS D 56 12.84 -27.18 -0.28
CA LYS D 56 13.69 -28.12 0.46
C LYS D 56 14.54 -28.97 -0.45
N GLU D 57 15.81 -29.10 -0.09
CA GLU D 57 16.74 -29.96 -0.81
C GLU D 57 17.29 -30.89 0.23
N GLU D 58 16.87 -32.13 0.17
CA GLU D 58 17.26 -33.11 1.16
C GLU D 58 16.68 -32.67 2.52
N GLU D 59 17.54 -32.38 3.47
CA GLU D 59 17.11 -32.00 4.81
C GLU D 59 17.25 -30.51 5.04
N PHE D 60 17.76 -29.80 4.04
CA PHE D 60 18.01 -28.37 4.15
C PHE D 60 16.92 -27.49 3.57
N SER D 61 16.72 -26.33 4.18
CA SER D 61 15.78 -25.35 3.68
C SER D 61 16.64 -24.44 2.84
N VAL D 62 16.12 -23.92 1.75
CA VAL D 62 16.94 -23.09 0.86
C VAL D 62 16.48 -21.65 0.79
N VAL D 63 17.37 -20.75 1.20
CA VAL D 63 17.09 -19.33 1.16
C VAL D 63 17.81 -18.74 -0.03
N THR D 64 17.06 -18.12 -0.92
CA THR D 64 17.62 -17.50 -2.11
C THR D 64 17.46 -16.02 -1.98
N PHE D 65 18.58 -15.31 -1.92
CA PHE D 65 18.53 -13.87 -1.80
C PHE D 65 18.35 -13.22 -3.16
N ALA D 66 17.61 -12.12 -3.16
CA ALA D 66 17.42 -11.34 -4.36
C ALA D 66 18.70 -10.51 -4.56
N ALA D 67 18.78 -9.81 -5.69
CA ALA D 67 19.95 -9.01 -6.00
C ALA D 67 20.30 -7.98 -4.92
N ASP D 68 19.30 -7.52 -4.17
CA ASP D 68 19.54 -6.53 -3.12
C ASP D 68 19.89 -7.18 -1.77
N GLY D 69 20.10 -8.49 -1.73
CA GLY D 69 20.47 -9.19 -0.49
C GLY D 69 19.32 -9.37 0.49
N THR D 70 18.11 -9.37 -0.05
CA THR D 70 16.89 -9.59 0.75
C THR D 70 16.19 -10.89 0.36
N ALA D 71 15.54 -11.52 1.33
CA ALA D 71 14.79 -12.74 1.08
C ALA D 71 13.56 -12.72 1.92
N VAL D 72 12.43 -12.99 1.29
CA VAL D 72 11.13 -12.97 1.93
C VAL D 72 10.46 -14.33 1.76
N THR D 73 9.94 -14.90 2.83
CA THR D 73 9.29 -16.19 2.73
C THR D 73 8.08 -16.33 3.65
N SER D 74 7.19 -17.23 3.27
CA SER D 74 6.00 -17.54 4.05
C SER D 74 6.29 -18.67 5.04
N THR D 75 7.50 -19.24 5.02
CA THR D 75 7.85 -20.27 5.98
C THR D 75 7.70 -19.63 7.34
N LYS D 76 7.00 -20.30 8.26
CA LYS D 76 6.73 -19.72 9.58
C LYS D 76 7.91 -19.17 10.31
N ASN D 77 8.99 -19.91 10.41
CA ASN D 77 10.14 -19.40 11.13
C ASN D 77 11.39 -20.14 10.72
N MSE D 78 12.52 -19.66 11.22
CA MSE D 78 13.79 -20.30 10.96
C MSE D 78 13.99 -21.41 11.95
O MSE D 78 13.22 -21.57 12.89
CB MSE D 78 14.90 -19.27 11.09
CG MSE D 78 15.19 -18.90 12.54
SE MSE D 78 15.79 -17.02 12.59
CE MSE D 78 17.54 -17.41 11.74
N LYS D 79 15.01 -22.21 11.71
CA LYS D 79 15.37 -23.30 12.58
C LYS D 79 16.34 -22.87 13.68
N PHE D 80 16.29 -23.57 14.81
CA PHE D 80 17.21 -23.39 15.92
C PHE D 80 17.86 -24.73 16.30
N GLY D 81 19.17 -24.72 16.51
CA GLY D 81 19.94 -25.92 16.82
C GLY D 81 21.39 -25.75 16.47
N THR D 82 22.12 -26.86 16.36
CA THR D 82 23.55 -26.76 16.03
C THR D 82 23.67 -26.20 14.62
N VAL D 83 24.41 -25.11 14.47
CA VAL D 83 24.56 -24.47 13.16
C VAL D 83 25.39 -25.32 12.20
N ASN D 84 24.76 -25.76 11.12
CA ASN D 84 25.45 -26.54 10.09
C ASN D 84 25.05 -25.99 8.74
N ASP D 85 24.84 -24.69 8.66
CA ASP D 85 24.37 -24.07 7.44
C ASP D 85 25.45 -24.09 6.38
N LEU D 86 25.02 -24.05 5.14
CA LEU D 86 25.95 -24.01 4.00
C LEU D 86 25.65 -22.74 3.24
N TYR D 87 26.70 -22.16 2.68
CA TYR D 87 26.56 -20.91 1.98
C TYR D 87 27.18 -21.01 0.60
N TYR D 88 26.51 -20.41 -0.37
CA TYR D 88 27.00 -20.44 -1.73
C TYR D 88 26.68 -19.14 -2.40
N THR D 89 27.47 -18.83 -3.43
CA THR D 89 27.17 -17.71 -4.29
C THR D 89 26.59 -18.35 -5.55
N VAL D 90 25.77 -17.61 -6.29
CA VAL D 90 25.16 -18.14 -7.50
C VAL D 90 25.25 -17.16 -8.66
N ASN D 91 25.60 -17.68 -9.83
CA ASN D 91 25.67 -16.84 -11.03
C ASN D 91 24.26 -16.70 -11.58
N LYS D 92 24.12 -15.97 -12.69
CA LYS D 92 22.80 -15.78 -13.29
C LYS D 92 22.15 -17.11 -13.68
N GLU D 93 22.96 -18.05 -14.16
CA GLU D 93 22.45 -19.37 -14.56
C GLU D 93 22.08 -20.28 -13.39
N GLY D 94 22.38 -19.87 -12.17
CA GLY D 94 22.05 -20.66 -10.99
C GLY D 94 23.09 -21.66 -10.53
N GLN D 95 24.27 -21.69 -11.17
CA GLN D 95 25.33 -22.58 -10.74
C GLN D 95 25.92 -22.04 -9.42
N ARG D 96 26.13 -22.95 -8.48
CA ARG D 96 26.59 -22.60 -7.15
C ARG D 96 28.09 -22.72 -6.93
N THR D 97 28.60 -21.87 -6.06
CA THR D 97 29.99 -21.89 -5.67
C THR D 97 30.02 -21.74 -4.16
N LYS D 98 30.56 -22.73 -3.48
CA LYS D 98 30.61 -22.71 -2.03
C LYS D 98 31.50 -21.60 -1.51
N ILE D 99 31.10 -21.01 -0.39
CA ILE D 99 31.80 -19.96 0.29
C ILE D 99 32.20 -20.49 1.66
N ASP D 100 33.39 -20.16 2.16
CA ASP D 100 33.79 -20.61 3.49
C ASP D 100 33.00 -19.84 4.57
N SER D 101 32.78 -20.50 5.73
CA SER D 101 32.06 -19.88 6.85
C SER D 101 32.68 -18.59 7.28
N SER D 102 33.99 -18.48 7.09
CA SER D 102 34.71 -17.28 7.47
C SER D 102 34.27 -16.05 6.64
N CYS D 103 33.51 -16.28 5.58
CA CYS D 103 33.03 -15.18 4.72
C CYS D 103 31.65 -14.73 5.14
N ILE D 104 31.11 -15.35 6.18
CA ILE D 104 29.80 -15.09 6.65
C ILE D 104 29.78 -14.69 8.12
N HIS D 105 29.00 -13.67 8.43
CA HIS D 105 28.81 -13.23 9.80
C HIS D 105 27.34 -13.26 10.11
N PHE D 106 26.98 -13.97 11.17
CA PHE D 106 25.60 -14.10 11.57
C PHE D 106 25.43 -12.97 12.60
N SER D 107 24.70 -11.93 12.22
CA SER D 107 24.54 -10.75 13.07
C SER D 107 23.46 -10.86 14.16
N SER D 108 22.22 -11.06 13.78
CA SER D 108 21.16 -11.13 14.78
C SER D 108 19.87 -11.71 14.28
N THR D 109 19.01 -12.08 15.22
CA THR D 109 17.71 -12.60 14.90
C THR D 109 16.71 -11.95 15.81
N GLY D 110 15.46 -11.99 15.40
CA GLY D 110 14.41 -11.41 16.20
C GLY D 110 13.06 -11.50 15.53
N SER D 111 12.15 -10.66 15.97
CA SER D 111 10.80 -10.63 15.49
C SER D 111 10.36 -9.19 15.48
N ARG D 112 9.57 -8.86 14.47
CA ARG D 112 9.04 -7.52 14.32
C ARG D 112 7.52 -7.68 14.22
N THR D 113 6.78 -6.91 15.00
CA THR D 113 5.34 -6.98 15.00
C THR D 113 4.72 -5.78 14.32
N GLU D 114 4.03 -6.01 13.21
CA GLU D 114 3.32 -4.97 12.48
C GLU D 114 1.86 -5.35 12.65
N ASN D 115 1.08 -4.43 13.25
CA ASN D 115 -0.33 -4.69 13.59
C ASN D 115 -0.29 -5.70 14.73
N SER D 116 -0.74 -6.91 14.47
CA SER D 116 -0.66 -7.96 15.47
C SER D 116 0.03 -9.17 14.82
N TRP D 117 0.63 -8.94 13.65
CA TRP D 117 1.32 -9.99 12.90
C TRP D 117 2.83 -9.96 13.18
N GLU D 118 3.40 -11.13 13.50
CA GLU D 118 4.83 -11.23 13.80
C GLU D 118 5.66 -11.75 12.65
N PHE D 119 6.75 -11.05 12.34
CA PHE D 119 7.66 -11.45 11.29
C PHE D 119 9.02 -11.74 11.90
N PRO D 120 9.39 -13.02 12.01
CA PRO D 120 10.73 -13.30 12.52
C PRO D 120 11.72 -12.93 11.43
N PHE D 121 12.93 -12.52 11.80
CA PHE D 121 13.92 -12.16 10.81
C PHE D 121 15.34 -12.54 11.23
N ALA D 122 16.23 -12.51 10.24
CA ALA D 122 17.62 -12.81 10.47
C ALA D 122 18.50 -11.84 9.72
N ASN D 123 19.56 -11.42 10.38
CA ASN D 123 20.55 -10.51 9.83
C ASN D 123 21.87 -11.21 9.69
N LEU D 124 22.35 -11.29 8.46
CA LEU D 124 23.64 -11.85 8.17
C LEU D 124 24.42 -10.86 7.35
N GLU D 125 25.70 -11.17 7.16
CA GLU D 125 26.54 -10.32 6.39
C GLU D 125 27.54 -11.19 5.64
N VAL D 126 27.82 -10.83 4.40
CA VAL D 126 28.73 -11.60 3.58
C VAL D 126 29.83 -10.71 3.05
N THR D 127 30.99 -11.34 2.80
CA THR D 127 32.12 -10.66 2.20
C THR D 127 32.79 -11.59 1.19
N ARG D 128 33.46 -10.98 0.22
CA ARG D 128 34.26 -11.70 -0.77
C ARG D 128 35.71 -11.30 -0.52
N THR D 129 35.87 -10.02 -0.22
CA THR D 129 37.10 -9.35 0.06
C THR D 129 37.88 -9.78 1.29
N ALA D 130 37.17 -9.91 2.42
CA ALA D 130 37.83 -10.12 3.72
C ALA D 130 37.47 -11.32 4.57
N CYS D 131 37.27 -12.48 3.95
CA CYS D 131 36.94 -13.67 4.73
C CYS D 131 38.01 -13.84 5.82
N SER D 132 37.58 -14.03 7.06
CA SER D 132 38.50 -14.20 8.18
C SER D 132 37.71 -14.59 9.42
N GLN D 133 38.40 -15.02 10.46
CA GLN D 133 37.73 -15.38 11.71
C GLN D 133 37.22 -14.09 12.40
N GLU D 134 37.93 -13.00 12.19
CA GLU D 134 37.56 -11.71 12.74
C GLU D 134 36.21 -11.28 12.10
N PHE D 135 36.11 -11.43 10.79
CA PHE D 135 34.87 -11.08 10.11
C PHE D 135 33.71 -11.96 10.57
N SER D 136 33.96 -13.26 10.64
CA SER D 136 32.91 -14.19 11.06
C SER D 136 32.33 -13.81 12.41
N ALA D 137 33.18 -13.37 13.33
CA ALA D 137 32.74 -13.00 14.65
C ALA D 137 32.12 -11.61 14.74
N ASN D 138 32.64 -10.65 13.97
CA ASN D 138 32.19 -9.26 14.09
C ASN D 138 31.61 -8.55 12.87
N GLY D 139 31.76 -9.12 11.68
CA GLY D 139 31.26 -8.46 10.48
C GLY D 139 32.17 -7.29 10.16
N ARG D 140 31.83 -6.53 9.13
CA ARG D 140 32.66 -5.40 8.70
C ARG D 140 32.60 -4.22 9.68
N GLU D 141 33.70 -3.47 9.70
CA GLU D 141 33.84 -2.28 10.53
C GLU D 141 32.96 -1.18 9.92
N VAL D 142 32.12 -0.55 10.75
CA VAL D 142 31.23 0.53 10.32
C VAL D 142 31.44 1.70 11.27
N PRO D 143 31.06 2.93 10.85
CA PRO D 143 31.22 4.15 11.67
C PRO D 143 30.60 4.04 13.08
N GLU D 144 31.14 4.82 14.01
CA GLU D 144 30.76 4.79 15.43
C GLU D 144 29.29 5.14 15.76
N ASN D 145 28.95 6.41 15.62
CA ASN D 145 27.63 6.91 16.01
C ASN D 145 26.52 6.59 15.04
N GLN D 146 26.87 6.40 13.78
CA GLN D 146 25.92 6.07 12.75
C GLN D 146 25.22 4.75 13.03
N GLU D 147 23.97 4.66 12.63
CA GLU D 147 23.21 3.45 12.78
C GLU D 147 23.86 2.45 11.82
N HIS D 148 23.71 1.17 12.10
CA HIS D 148 24.30 0.16 11.23
C HIS D 148 23.49 0.13 9.92
N PRO D 149 24.18 0.06 8.78
CA PRO D 149 23.53 0.09 7.46
C PRO D 149 22.38 -0.90 7.27
N ALA D 150 22.41 -1.96 8.05
CA ALA D 150 21.35 -2.98 8.01
C ALA D 150 20.02 -2.47 8.56
N GLU D 151 20.07 -1.46 9.41
CA GLU D 151 18.87 -0.87 9.96
C GLU D 151 18.06 -0.24 8.86
N LYS D 152 18.74 0.45 7.94
CA LYS D 152 18.05 1.09 6.83
C LYS D 152 17.53 0.05 5.88
N LYS D 153 18.38 -0.92 5.56
CA LYS D 153 17.96 -1.98 4.66
C LYS D 153 16.68 -2.65 5.15
N MSE D 154 16.62 -2.88 6.47
CA MSE D 154 15.46 -3.49 7.10
C MSE D 154 14.27 -2.57 7.05
O MSE D 154 13.14 -2.98 6.74
CB MSE D 154 15.82 -3.80 8.55
CG MSE D 154 14.65 -4.34 9.36
SE MSE D 154 13.95 -6.04 8.60
CE MSE D 154 14.99 -7.27 9.71
N ARG D 155 14.52 -1.31 7.36
CA ARG D 155 13.48 -0.30 7.37
C ARG D 155 12.79 -0.29 6.02
N ASP D 156 13.59 -0.25 4.97
CA ASP D 156 13.06 -0.23 3.60
C ASP D 156 12.39 -1.55 3.22
N LEU D 157 12.95 -2.67 3.64
CA LEU D 157 12.40 -3.97 3.32
C LEU D 157 11.02 -4.16 3.92
N MSE D 158 10.83 -3.71 5.16
CA MSE D 158 9.53 -3.84 5.81
C MSE D 158 8.49 -3.06 5.07
O MSE D 158 7.35 -3.52 4.95
CB MSE D 158 9.64 -3.36 7.24
CG MSE D 158 10.33 -4.45 8.06
SE MSE D 158 9.21 -6.08 8.10
CE MSE D 158 10.58 -7.30 8.79
N GLN D 159 8.88 -1.91 4.57
CA GLN D 159 7.95 -1.09 3.82
C GLN D 159 7.57 -1.81 2.53
N ARG D 160 8.55 -2.36 1.83
CA ARG D 160 8.27 -3.09 0.61
C ARG D 160 7.34 -4.26 0.86
N ILE D 161 7.53 -4.90 2.01
CA ILE D 161 6.68 -6.03 2.42
C ILE D 161 5.25 -5.58 2.65
N GLN D 162 5.07 -4.58 3.52
N GLN D 162 5.06 -4.59 3.51
CA GLN D 162 3.75 -4.08 3.81
CA GLN D 162 3.73 -4.08 3.80
C GLN D 162 3.01 -3.64 2.53
C GLN D 162 3.01 -3.66 2.52
N GLU D 163 3.71 -2.96 1.63
CA GLU D 163 3.12 -2.49 0.38
C GLU D 163 2.75 -3.62 -0.58
N ARG D 164 3.73 -4.44 -0.94
CA ARG D 164 3.50 -5.52 -1.89
C ARG D 164 2.62 -6.65 -1.36
N TYR D 165 2.88 -7.11 -0.14
CA TYR D 165 2.15 -8.26 0.39
C TYR D 165 0.96 -8.00 1.35
N MSE D 166 1.00 -6.93 2.15
CA MSE D 166 -0.09 -6.63 3.13
C MSE D 166 -1.19 -5.69 2.68
O MSE D 166 -2.30 -5.72 3.21
CB MSE D 166 0.38 -5.99 4.47
CG MSE D 166 0.62 -6.94 5.65
SE MSE D 166 1.58 -8.63 5.22
CE MSE D 166 1.12 -9.58 6.93
N ASN D 167 -0.88 -4.82 1.73
CA ASN D 167 -1.85 -3.81 1.22
C ASN D 167 -3.31 -4.28 1.17
N LYS D 168 -4.17 -3.67 1.99
CA LYS D 168 -5.60 -4.04 2.05
C LYS D 168 -5.85 -5.52 1.77
N VAL D 169 -5.45 -6.36 2.73
CA VAL D 169 -5.65 -7.82 2.65
C VAL D 169 -5.48 -8.39 4.07
N LYS D 170 -5.98 -9.60 4.33
CA LYS D 170 -5.78 -10.25 5.63
C LYS D 170 -4.80 -11.44 5.54
S SO4 E . 25.12 33.69 7.90
O1 SO4 E . 23.70 33.35 7.62
O2 SO4 E . 25.72 32.63 8.74
O3 SO4 E . 25.87 33.80 6.64
O4 SO4 E . 25.13 34.99 8.63
S SO4 F . -21.69 -2.63 -18.62
O1 SO4 F . -23.07 -2.49 -18.04
O2 SO4 F . -21.66 -2.04 -19.96
O3 SO4 F . -20.71 -1.93 -17.74
O4 SO4 F . -21.30 -4.07 -18.69
S SO4 G . -25.33 -33.56 -5.34
O1 SO4 G . -26.15 -33.90 -4.14
O2 SO4 G . -25.42 -34.67 -6.32
O3 SO4 G . -25.84 -32.30 -5.94
O4 SO4 G . -23.91 -33.38 -4.93
O1 P6G H . 14.77 -19.34 20.42
C2 P6G H . 15.02 -18.49 19.30
C3 P6G H . 16.19 -19.05 18.48
O4 P6G H . 16.66 -18.13 17.48
C5 P6G H . 15.84 -18.02 16.31
C6 P6G H . 15.05 -16.72 16.36
O7 P6G H . 13.93 -16.75 15.46
C8 P6G H . 12.98 -15.71 15.77
C9 P6G H . 12.12 -16.05 17.00
O10 P6G H . 10.73 -15.82 16.74
C11 P6G H . 9.88 -16.03 17.89
C12 P6G H . 9.01 -17.27 17.71
O13 P6G H . 7.67 -16.92 17.39
C14 P6G H . 7.05 -17.61 16.30
C15 P6G H . 6.61 -16.59 15.25
O16 P6G H . 6.11 -17.28 14.10
C17 P6G H . 4.81 -16.83 13.66
C18 P6G H . 3.70 -17.25 14.64
O19 P6G H . 2.60 -17.89 13.96
C1 PEG I . 24.51 -21.66 19.11
O1 PEG I . 23.54 -20.75 18.57
C2 PEG I . 24.24 -23.07 18.59
O2 PEG I . 23.25 -23.74 19.40
C3 PEG I . 23.83 -24.66 20.33
C4 PEG I . 22.72 -25.41 21.08
O4 PEG I . 22.92 -25.30 22.50
S SO4 J . 29.06 0.12 4.06
O1 SO4 J . 30.10 -0.93 3.95
O2 SO4 J . 29.41 1.28 3.19
O3 SO4 J . 27.76 -0.42 3.62
O4 SO4 J . 29.00 0.55 5.47
#